data_5EAE
#
_entry.id   5EAE
#
_cell.length_a   78.900
_cell.length_b   67.680
_cell.length_c   81.030
_cell.angle_alpha   90.00
_cell.angle_beta   99.38
_cell.angle_gamma   90.00
#
_symmetry.space_group_name_H-M   'P 1 21 1'
#
loop_
_entity.id
_entity.type
_entity.pdbx_description
1 polymer 'Lanosterol 14-alpha demethylase'
2 non-polymer (2~{R})-2-(1-chloranylcyclopropyl)-1-(2-chlorophenyl)-3-(1,2,4-triazol-1-yl)propan-2-ol
3 non-polymer 'PROTOPORPHYRIN IX CONTAINING FE'
4 water water
#
_entity_poly.entity_id   1
_entity_poly.type   'polypeptide(L)'
_entity_poly.pdbx_seq_one_letter_code
;MSATKSIVGEALEYVNIGLSHFLALPLAQRISLIIIIPFIYNIVWQLLYSLRKDRPPLVFYWIPWVGSAVVYGMKPYEFF
EECQKKYGDIFSFVLLGRVMTVYLGPKGHEFVFNAKLADVSAEAAYAHLTTPVFGKGVIYDCPNSRLMEQKKFVKGALTK
EAFKSYVPLIAEEVYKYFRDSKNFRLNERTTGTIDVMVTQPEMTIFTASRSLLGKEMRAKLDTDFAYLYSDLDKGFTPIN
FVFPNLPLEHYRKRDHAQKAISGTYMSLIKERRKNNDIQDRDLIDSLMKNSTYKDGVKMTDQEIANLLIGVLMGGQHTSA
ATSAWILLHLAERPDVQQELYEEQMRVLDGGKKELTYDLLQEMPLLNQTIKETLRMHHPLHSLFRKVMKDMHVPNTSYVI
PAGYHVLVSPGYTHLRDEYFPNAHQFNIHRWNNDSASSYSVGEEVDYGFGAISKGVSSPYLPFGGGRHRCIGEHFAYCQL
GVLMSIFIRTLKWHYPEGKTVPPPDFTSMVTLPTGPAKIIWEKRNPEQKIGGRHHHHHH
;
_entity_poly.pdbx_strand_id   A
#
# COMPACT_ATOMS: atom_id res chain seq x y z
N ILE A 7 9.92 56.42 35.17
CA ILE A 7 8.68 55.67 35.36
C ILE A 7 8.59 54.52 34.35
N VAL A 8 7.47 53.80 34.36
CA VAL A 8 7.25 52.66 33.48
C VAL A 8 6.45 53.08 32.24
N GLY A 9 5.80 54.24 32.34
CA GLY A 9 5.05 54.77 31.23
C GLY A 9 5.99 55.25 30.14
N GLU A 10 7.15 55.72 30.55
CA GLU A 10 8.15 56.17 29.56
C GLU A 10 8.81 54.99 28.86
N ALA A 11 8.78 53.81 29.47
CA ALA A 11 9.18 52.60 28.77
C ALA A 11 8.10 52.21 27.77
N LEU A 12 6.85 52.44 28.15
CA LEU A 12 5.72 52.16 27.27
C LEU A 12 5.74 53.04 26.01
N GLU A 13 6.20 54.27 26.16
CA GLU A 13 6.40 55.15 25.01
C GLU A 13 7.46 54.53 24.11
N TYR A 14 8.46 53.89 24.72
CA TYR A 14 9.58 53.41 23.92
C TYR A 14 9.25 52.09 23.23
N VAL A 15 8.32 51.33 23.81
CA VAL A 15 7.72 50.21 23.06
C VAL A 15 7.18 50.74 21.74
N ASN A 16 6.33 51.77 21.83
CA ASN A 16 5.70 52.39 20.66
C ASN A 16 6.72 52.93 19.67
N ILE A 17 7.68 53.71 20.18
CA ILE A 17 8.79 54.19 19.36
C ILE A 17 9.52 53.06 18.65
N GLY A 18 9.78 51.98 19.39
CA GLY A 18 10.55 50.86 18.88
C GLY A 18 9.79 50.17 17.79
N LEU A 19 8.49 50.02 18.00
CA LEU A 19 7.59 49.51 16.98
C LEU A 19 7.67 50.35 15.71
N SER A 20 7.64 51.67 15.86
CA SER A 20 7.67 52.53 14.68
C SER A 20 9.02 52.40 13.98
N HIS A 21 10.09 52.27 14.75
CA HIS A 21 11.42 52.08 14.16
C HIS A 21 11.55 50.71 13.52
N PHE A 22 10.82 49.74 14.04
CA PHE A 22 10.82 48.40 13.46
C PHE A 22 10.18 48.40 12.08
N LEU A 23 9.07 49.10 11.94
CA LEU A 23 8.32 49.11 10.68
C LEU A 23 9.05 49.91 9.61
N ALA A 24 10.13 50.58 10.01
CA ALA A 24 10.91 51.45 9.14
C ALA A 24 12.32 50.93 8.84
N LEU A 25 12.61 49.69 9.23
CA LEU A 25 13.89 49.07 8.89
C LEU A 25 13.98 48.86 7.38
N PRO A 26 15.20 48.82 6.83
CA PRO A 26 15.39 48.48 5.41
C PRO A 26 14.92 47.05 5.13
N LEU A 27 14.16 46.83 4.06
CA LEU A 27 13.54 45.51 3.82
C LEU A 27 14.58 44.38 3.74
N ALA A 28 15.85 44.72 3.60
CA ALA A 28 16.91 43.74 3.77
C ALA A 28 16.80 43.15 5.18
N GLN A 29 16.83 44.04 6.17
CA GLN A 29 16.78 43.65 7.57
C GLN A 29 15.42 43.09 7.96
N ARG A 30 14.38 43.44 7.21
CA ARG A 30 13.03 43.10 7.62
C ARG A 30 12.60 41.71 7.17
N ILE A 31 13.01 41.30 5.97
CA ILE A 31 12.76 39.95 5.52
C ILE A 31 13.78 39.03 6.19
N SER A 32 14.94 39.58 6.52
CA SER A 32 15.91 38.91 7.37
C SER A 32 15.29 38.55 8.71
N LEU A 33 14.36 39.39 9.16
CA LEU A 33 13.69 39.20 10.45
C LEU A 33 12.44 38.34 10.32
N ILE A 34 11.89 38.26 9.12
CA ILE A 34 10.71 37.43 8.89
C ILE A 34 11.11 35.96 8.84
N ILE A 35 12.40 35.68 8.66
CA ILE A 35 12.88 34.30 8.77
C ILE A 35 13.56 34.04 10.11
N ILE A 36 14.20 35.05 10.68
CA ILE A 36 14.98 34.83 11.89
C ILE A 36 14.08 34.74 13.12
N ILE A 37 12.89 35.34 13.03
CA ILE A 37 11.93 35.31 14.13
C ILE A 37 11.21 33.95 14.25
N PRO A 38 10.72 33.39 13.13
CA PRO A 38 10.10 32.07 13.27
C PRO A 38 11.13 30.97 13.56
N PHE A 39 12.34 31.13 13.02
CA PHE A 39 13.43 30.21 13.31
C PHE A 39 13.69 30.13 14.80
N ILE A 40 13.91 31.28 15.43
CA ILE A 40 14.21 31.33 16.86
C ILE A 40 13.02 30.92 17.70
N TYR A 41 11.82 31.34 17.30
CA TYR A 41 10.62 30.98 18.04
C TYR A 41 10.39 29.47 18.04
N ASN A 42 10.65 28.85 16.90
CA ASN A 42 10.55 27.40 16.76
C ASN A 42 11.45 26.69 17.75
N ILE A 43 12.71 27.12 17.77
CA ILE A 43 13.71 26.55 18.68
C ILE A 43 13.34 26.76 20.15
N VAL A 44 12.85 27.94 20.50
CA VAL A 44 12.46 28.24 21.88
C VAL A 44 11.26 27.39 22.28
N TRP A 45 10.34 27.19 21.35
CA TRP A 45 9.13 26.41 21.60
C TRP A 45 9.45 24.94 21.89
N GLN A 46 10.37 24.36 21.12
CA GLN A 46 10.77 22.97 21.31
C GLN A 46 11.38 22.74 22.69
N LEU A 47 12.29 23.62 23.10
CA LEU A 47 12.91 23.51 24.42
C LEU A 47 11.86 23.60 25.53
N LEU A 48 10.88 24.48 25.34
CA LEU A 48 9.76 24.57 26.26
C LEU A 48 8.94 23.27 26.26
N TYR A 49 8.72 22.73 25.06
CA TYR A 49 7.94 21.50 24.88
C TYR A 49 8.53 20.31 25.64
N SER A 50 9.85 20.20 25.62
CA SER A 50 10.54 19.07 26.26
C SER A 50 10.33 19.03 27.77
N LEU A 51 9.76 20.10 28.34
CA LEU A 51 9.53 20.18 29.78
C LEU A 51 8.19 19.59 30.17
N ARG A 52 7.29 19.45 29.19
CA ARG A 52 6.02 18.79 29.43
C ARG A 52 6.25 17.29 29.64
N LYS A 53 5.60 16.74 30.65
CA LYS A 53 5.73 15.32 30.94
C LYS A 53 4.53 14.54 30.40
N ASP A 54 3.50 15.25 29.97
CA ASP A 54 2.33 14.61 29.38
C ASP A 54 2.41 14.58 27.84
N ARG A 55 3.62 14.80 27.32
CA ARG A 55 3.87 14.67 25.88
C ARG A 55 5.06 13.75 25.61
N PRO A 56 4.93 12.88 24.61
CA PRO A 56 6.08 12.08 24.18
C PRO A 56 7.19 12.98 23.68
N PRO A 57 8.45 12.55 23.86
CA PRO A 57 9.59 13.35 23.40
C PRO A 57 9.41 13.72 21.94
N LEU A 58 9.75 14.95 21.58
CA LEU A 58 9.59 15.43 20.21
C LEU A 58 10.95 15.54 19.55
N VAL A 59 11.09 14.97 18.36
CA VAL A 59 12.37 14.98 17.67
C VAL A 59 12.76 16.42 17.32
N PHE A 60 13.98 16.81 17.68
CA PHE A 60 14.42 18.16 17.39
C PHE A 60 14.55 18.39 15.89
N TYR A 61 14.22 19.61 15.45
CA TYR A 61 14.31 19.96 14.03
C TYR A 61 14.62 21.45 13.85
N TRP A 62 15.38 21.77 12.81
CA TRP A 62 15.81 23.14 12.54
C TRP A 62 14.78 23.97 11.76
N ILE A 63 14.34 23.45 10.63
CA ILE A 63 13.45 24.18 9.72
C ILE A 63 11.98 24.07 10.11
N PRO A 64 11.35 25.20 10.49
CA PRO A 64 9.94 25.15 10.89
C PRO A 64 8.99 24.70 9.77
N TRP A 65 7.86 24.13 10.18
CA TRP A 65 6.89 23.50 9.28
C TRP A 65 7.39 22.23 8.59
N VAL A 66 8.59 22.28 8.01
CA VAL A 66 9.14 21.13 7.28
C VAL A 66 9.40 19.96 8.24
N GLY A 67 10.05 20.26 9.36
CA GLY A 67 10.28 19.28 10.40
C GLY A 67 11.30 18.24 10.00
N SER A 68 11.03 16.99 10.36
CA SER A 68 11.92 15.88 10.02
C SER A 68 11.55 15.22 8.68
N ALA A 69 10.86 15.97 7.83
CA ALA A 69 10.29 15.46 6.59
C ALA A 69 11.30 14.83 5.66
N VAL A 70 12.49 15.43 5.60
CA VAL A 70 13.52 14.93 4.72
C VAL A 70 13.98 13.56 5.17
N VAL A 71 14.49 13.45 6.39
CA VAL A 71 15.03 12.16 6.83
C VAL A 71 13.93 11.10 6.88
N TYR A 72 12.76 11.45 7.37
CA TYR A 72 11.65 10.52 7.39
C TYR A 72 11.25 10.09 5.98
N GLY A 73 11.15 11.06 5.08
CA GLY A 73 10.78 10.79 3.70
C GLY A 73 11.71 9.81 3.00
N MET A 74 13.01 9.95 3.25
CA MET A 74 13.99 9.16 2.51
C MET A 74 14.35 7.82 3.16
N LYS A 75 14.44 7.78 4.50
CA LYS A 75 14.81 6.54 5.17
C LYS A 75 14.10 6.39 6.52
N PRO A 76 12.78 6.12 6.48
CA PRO A 76 11.92 6.12 7.68
C PRO A 76 12.28 5.06 8.71
N TYR A 77 12.70 3.87 8.29
CA TYR A 77 13.07 2.83 9.25
C TYR A 77 14.37 3.18 9.95
N GLU A 78 15.31 3.79 9.24
CA GLU A 78 16.54 4.25 9.88
C GLU A 78 16.21 5.38 10.86
N PHE A 79 15.28 6.24 10.46
CA PHE A 79 14.83 7.34 11.30
C PHE A 79 14.21 6.80 12.59
N PHE A 80 13.29 5.85 12.45
CA PHE A 80 12.63 5.24 13.60
C PHE A 80 13.60 4.53 14.55
N GLU A 81 14.63 3.89 14.00
CA GLU A 81 15.55 3.15 14.85
C GLU A 81 16.37 4.11 15.71
N GLU A 82 16.78 5.22 15.11
CA GLU A 82 17.53 6.24 15.84
C GLU A 82 16.67 6.87 16.94
N CYS A 83 15.47 7.29 16.58
CA CYS A 83 14.52 7.79 17.56
C CYS A 83 14.22 6.75 18.65
N GLN A 84 14.09 5.49 18.27
CA GLN A 84 13.82 4.43 19.23
C GLN A 84 14.95 4.27 20.25
N LYS A 85 16.20 4.38 19.78
CA LYS A 85 17.35 4.28 20.67
C LYS A 85 17.42 5.45 21.64
N LYS A 86 17.09 6.64 21.15
CA LYS A 86 17.20 7.84 21.96
C LYS A 86 16.01 8.04 22.90
N TYR A 87 14.80 7.74 22.43
CA TYR A 87 13.59 8.07 23.16
C TYR A 87 12.71 6.89 23.58
N GLY A 88 13.00 5.69 23.10
CA GLY A 88 12.11 4.56 23.32
C GLY A 88 11.08 4.40 22.21
N ASP A 89 9.95 3.74 22.51
CA ASP A 89 9.00 3.34 21.48
C ASP A 89 7.97 4.43 21.09
N ILE A 90 7.75 5.41 21.96
CA ILE A 90 6.83 6.50 21.67
C ILE A 90 7.58 7.81 21.53
N PHE A 91 7.38 8.49 20.40
CA PHE A 91 8.04 9.76 20.16
C PHE A 91 7.31 10.52 19.07
N SER A 92 7.52 11.83 19.01
CA SER A 92 6.85 12.64 18.02
C SER A 92 7.86 13.29 17.09
N PHE A 93 7.39 13.66 15.91
CA PHE A 93 8.22 14.46 15.03
C PHE A 93 7.32 15.32 14.14
N VAL A 94 7.85 16.44 13.67
CA VAL A 94 7.07 17.32 12.83
C VAL A 94 7.30 16.92 11.37
N LEU A 95 6.22 16.97 10.59
CA LEU A 95 6.23 16.55 9.20
C LEU A 95 5.32 17.48 8.39
N LEU A 96 5.93 18.33 7.58
CA LEU A 96 5.23 19.25 6.67
C LEU A 96 3.96 19.84 7.28
N GLY A 97 4.11 20.43 8.47
CA GLY A 97 3.02 21.11 9.13
C GLY A 97 2.29 20.31 10.21
N ARG A 98 2.54 19.01 10.27
CA ARG A 98 1.79 18.16 11.17
C ARG A 98 2.68 17.55 12.24
N VAL A 99 2.08 17.19 13.37
CA VAL A 99 2.80 16.52 14.43
C VAL A 99 2.42 15.04 14.41
N MET A 100 3.38 14.18 14.06
CA MET A 100 3.15 12.75 14.04
C MET A 100 3.65 12.10 15.33
N THR A 101 2.77 11.37 16.03
CA THR A 101 3.27 10.58 17.16
C THR A 101 3.39 9.10 16.78
N VAL A 102 4.63 8.65 16.76
CA VAL A 102 4.95 7.27 16.41
C VAL A 102 4.90 6.39 17.64
N TYR A 103 4.25 5.23 17.52
CA TYR A 103 4.28 4.23 18.57
C TYR A 103 4.73 2.89 17.97
N LEU A 104 6.02 2.61 18.12
CA LEU A 104 6.67 1.40 17.60
C LEU A 104 6.37 0.10 18.38
N GLY A 105 6.35 -1.02 17.68
CA GLY A 105 6.24 -2.33 18.31
C GLY A 105 4.80 -2.77 18.48
N PRO A 106 4.58 -4.01 18.92
CA PRO A 106 3.24 -4.56 19.09
C PRO A 106 2.29 -3.68 19.93
N LYS A 107 2.79 -3.00 20.97
CA LYS A 107 1.92 -2.14 21.77
C LYS A 107 1.39 -0.99 20.92
N GLY A 108 2.25 -0.50 20.02
CA GLY A 108 1.87 0.53 19.08
C GLY A 108 0.83 0.05 18.08
N HIS A 109 0.96 -1.20 17.64
CA HIS A 109 -0.04 -1.78 16.75
C HIS A 109 -1.39 -1.70 17.44
N GLU A 110 -1.38 -2.09 18.72
CA GLU A 110 -2.57 -2.12 19.54
C GLU A 110 -3.14 -0.73 19.78
N PHE A 111 -2.28 0.20 20.17
CA PHE A 111 -2.69 1.58 20.40
C PHE A 111 -3.32 2.26 19.17
N VAL A 112 -2.94 1.86 17.96
CA VAL A 112 -3.44 2.55 16.79
C VAL A 112 -4.50 1.75 16.02
N PHE A 113 -4.19 0.51 15.64
CA PHE A 113 -5.16 -0.28 14.86
C PHE A 113 -6.43 -0.60 15.64
N ASN A 114 -6.32 -0.70 16.97
CA ASN A 114 -7.45 -1.05 17.81
C ASN A 114 -7.99 0.18 18.56
N ALA A 115 -7.61 1.37 18.13
CA ALA A 115 -8.11 2.58 18.74
C ALA A 115 -9.63 2.71 18.57
N LYS A 116 -10.25 3.29 19.58
CA LYS A 116 -11.67 3.67 19.54
C LYS A 116 -12.01 4.50 18.31
N LEU A 117 -13.13 4.17 17.66
CA LEU A 117 -13.61 4.94 16.51
C LEU A 117 -13.73 6.43 16.78
N ALA A 118 -14.13 6.79 18.00
CA ALA A 118 -14.24 8.19 18.41
C ALA A 118 -12.87 8.88 18.59
N ASP A 119 -11.82 8.09 18.82
CA ASP A 119 -10.51 8.63 19.13
C ASP A 119 -9.69 9.06 17.90
N VAL A 120 -9.82 8.30 16.81
CA VAL A 120 -8.96 8.52 15.66
C VAL A 120 -9.76 8.44 14.39
N SER A 121 -9.26 9.09 13.36
CA SER A 121 -9.91 9.02 12.06
C SER A 121 -8.92 8.69 10.94
N ALA A 122 -9.18 7.58 10.26
CA ALA A 122 -8.41 7.25 9.06
C ALA A 122 -8.76 8.18 7.90
N GLU A 123 -10.05 8.40 7.68
CA GLU A 123 -10.45 9.14 6.48
C GLU A 123 -10.02 10.61 6.60
N ALA A 124 -9.91 11.09 7.82
CA ALA A 124 -9.37 12.43 8.06
C ALA A 124 -7.91 12.50 7.65
N ALA A 125 -7.20 11.38 7.76
CA ALA A 125 -5.79 11.35 7.35
C ALA A 125 -5.62 11.16 5.85
N TYR A 126 -6.50 10.38 5.23
CA TYR A 126 -6.25 9.90 3.87
C TYR A 126 -7.14 10.48 2.75
N ALA A 127 -8.32 10.99 3.08
CA ALA A 127 -9.29 11.46 2.06
C ALA A 127 -8.67 12.35 1.00
N HIS A 128 -7.72 13.19 1.39
CA HIS A 128 -7.11 14.12 0.44
C HIS A 128 -6.18 13.42 -0.54
N LEU A 129 -5.62 12.28 -0.12
CA LEU A 129 -4.77 11.47 -0.98
C LEU A 129 -5.60 10.68 -1.99
N THR A 130 -6.69 10.06 -1.52
CA THR A 130 -7.43 9.08 -2.31
C THR A 130 -8.66 9.61 -3.05
N THR A 131 -9.45 10.48 -2.41
CA THR A 131 -10.67 10.97 -3.05
C THR A 131 -10.43 11.52 -4.47
N PRO A 132 -9.38 12.36 -4.67
CA PRO A 132 -9.07 12.82 -6.03
C PRO A 132 -8.88 11.70 -7.04
N VAL A 133 -8.32 10.59 -6.59
CA VAL A 133 -7.97 9.50 -7.48
C VAL A 133 -9.17 8.58 -7.74
N PHE A 134 -9.90 8.20 -6.69
CA PHE A 134 -10.95 7.20 -6.83
C PHE A 134 -12.28 7.81 -7.31
N GLY A 135 -12.59 8.98 -6.77
CA GLY A 135 -13.87 9.60 -7.01
C GLY A 135 -14.57 9.82 -5.69
N LYS A 136 -15.76 10.40 -5.74
CA LYS A 136 -16.50 10.76 -4.55
C LYS A 136 -17.33 9.62 -3.99
N GLY A 137 -17.68 9.71 -2.72
CA GLY A 137 -18.68 8.85 -2.13
C GLY A 137 -18.16 7.53 -1.59
N VAL A 138 -16.89 7.21 -1.85
CA VAL A 138 -16.34 5.90 -1.48
C VAL A 138 -15.03 5.95 -0.68
N ILE A 139 -14.74 4.83 -0.02
CA ILE A 139 -13.52 4.63 0.77
C ILE A 139 -13.33 5.68 1.86
N TYR A 140 -12.62 6.76 1.59
CA TYR A 140 -12.40 7.79 2.61
C TYR A 140 -13.21 9.09 2.38
N ASP A 141 -14.15 9.04 1.44
CA ASP A 141 -15.01 10.19 1.15
C ASP A 141 -16.43 9.87 1.58
N CYS A 142 -16.55 9.45 2.84
CA CYS A 142 -17.79 8.90 3.36
C CYS A 142 -17.55 8.51 4.82
N PRO A 143 -18.60 8.51 5.64
CA PRO A 143 -18.46 8.08 7.03
C PRO A 143 -17.95 6.65 7.16
N ASN A 144 -17.29 6.37 8.29
CA ASN A 144 -16.68 5.07 8.51
C ASN A 144 -17.67 3.93 8.30
N SER A 145 -18.91 4.14 8.74
CA SER A 145 -19.92 3.09 8.63
C SER A 145 -20.21 2.73 7.19
N ARG A 146 -20.08 3.71 6.29
CA ARG A 146 -20.24 3.45 4.86
C ARG A 146 -19.05 2.62 4.32
N LEU A 147 -17.84 3.02 4.70
CA LEU A 147 -16.62 2.24 4.44
C LEU A 147 -16.78 0.77 4.85
N MET A 148 -17.20 0.54 6.09
CA MET A 148 -17.39 -0.82 6.62
C MET A 148 -18.24 -1.69 5.71
N GLU A 149 -19.32 -1.12 5.20
CA GLU A 149 -20.24 -1.85 4.31
C GLU A 149 -19.68 -2.01 2.90
N GLN A 150 -18.93 -1.01 2.44
CA GLN A 150 -18.28 -1.10 1.13
C GLN A 150 -17.30 -2.27 1.16
N LYS A 151 -16.55 -2.39 2.25
CA LYS A 151 -15.61 -3.51 2.43
C LYS A 151 -16.38 -4.83 2.43
N LYS A 152 -17.56 -4.84 3.06
CA LYS A 152 -18.42 -6.03 3.01
C LYS A 152 -18.84 -6.39 1.59
N PHE A 153 -19.18 -5.37 0.79
CA PHE A 153 -19.61 -5.58 -0.59
C PHE A 153 -18.49 -6.21 -1.42
N VAL A 154 -17.30 -5.63 -1.34
CA VAL A 154 -16.13 -6.12 -2.06
C VAL A 154 -15.73 -7.54 -1.59
N LYS A 155 -15.70 -7.75 -0.28
CA LYS A 155 -15.38 -9.08 0.28
C LYS A 155 -16.32 -10.18 -0.22
N GLY A 156 -17.57 -9.81 -0.49
CA GLY A 156 -18.56 -10.76 -0.95
C GLY A 156 -18.34 -11.23 -2.36
N ALA A 157 -17.55 -10.49 -3.13
CA ALA A 157 -17.05 -11.02 -4.40
C ALA A 157 -15.76 -11.83 -4.21
N LEU A 158 -15.06 -11.65 -3.09
CA LEU A 158 -13.75 -12.28 -2.92
C LEU A 158 -13.86 -13.57 -2.13
N THR A 159 -14.60 -14.52 -2.69
CA THR A 159 -14.87 -15.78 -2.01
C THR A 159 -14.02 -16.93 -2.60
N LYS A 160 -14.05 -18.07 -1.93
CA LYS A 160 -13.31 -19.26 -2.39
C LYS A 160 -13.79 -19.67 -3.78
N GLU A 161 -15.10 -19.60 -4.00
CA GLU A 161 -15.64 -19.99 -5.29
C GLU A 161 -15.24 -18.99 -6.37
N ALA A 162 -15.08 -17.71 -6.01
CA ALA A 162 -14.58 -16.76 -6.99
C ALA A 162 -13.12 -17.06 -7.32
N PHE A 163 -12.32 -17.41 -6.31
CA PHE A 163 -10.90 -17.67 -6.52
C PHE A 163 -10.68 -18.90 -7.39
N LYS A 164 -11.55 -19.90 -7.26
CA LYS A 164 -11.47 -21.07 -8.14
C LYS A 164 -11.68 -20.67 -9.59
N SER A 165 -12.51 -19.67 -9.82
CA SER A 165 -12.75 -19.23 -11.18
C SER A 165 -11.68 -18.23 -11.63
N TYR A 166 -11.15 -17.43 -10.71
CA TYR A 166 -10.11 -16.47 -11.07
C TYR A 166 -8.77 -17.14 -11.47
N VAL A 167 -8.47 -18.30 -10.89
CA VAL A 167 -7.13 -18.87 -11.06
C VAL A 167 -6.81 -19.18 -12.53
N PRO A 168 -7.70 -19.90 -13.26
CA PRO A 168 -7.37 -20.08 -14.68
C PRO A 168 -7.33 -18.81 -15.52
N LEU A 169 -8.12 -17.79 -15.16
CA LEU A 169 -8.13 -16.50 -15.87
C LEU A 169 -6.81 -15.75 -15.64
N ILE A 170 -6.33 -15.80 -14.40
CA ILE A 170 -5.05 -15.20 -14.05
C ILE A 170 -3.91 -15.98 -14.76
N ALA A 171 -4.01 -17.30 -14.75
CA ALA A 171 -3.01 -18.13 -15.42
C ALA A 171 -3.00 -17.79 -16.92
N GLU A 172 -4.19 -17.72 -17.51
CA GLU A 172 -4.28 -17.36 -18.93
C GLU A 172 -3.55 -16.04 -19.21
N GLU A 173 -3.78 -15.02 -18.36
CA GLU A 173 -3.11 -13.73 -18.55
C GLU A 173 -1.58 -13.78 -18.41
N VAL A 174 -1.08 -14.57 -17.45
CA VAL A 174 0.36 -14.67 -17.28
C VAL A 174 0.98 -15.31 -18.53
N TYR A 175 0.36 -16.38 -19.01
CA TYR A 175 0.87 -17.05 -20.22
C TYR A 175 0.76 -16.14 -21.45
N LYS A 176 -0.32 -15.36 -21.55
CA LYS A 176 -0.45 -14.41 -22.65
C LYS A 176 0.65 -13.36 -22.55
N TYR A 177 1.00 -12.97 -21.32
CA TYR A 177 2.05 -11.98 -21.14
C TYR A 177 3.42 -12.55 -21.56
N PHE A 178 3.69 -13.81 -21.18
CA PHE A 178 4.95 -14.47 -21.58
C PHE A 178 5.00 -14.58 -23.10
N ARG A 179 3.87 -14.95 -23.71
CA ARG A 179 3.79 -15.07 -25.16
C ARG A 179 3.92 -13.74 -25.89
N ASP A 180 3.15 -12.72 -25.49
CA ASP A 180 3.00 -11.51 -26.33
C ASP A 180 3.88 -10.31 -25.96
N SER A 181 4.20 -10.13 -24.68
CA SER A 181 4.96 -8.94 -24.25
C SER A 181 6.35 -8.91 -24.85
N LYS A 182 6.82 -7.72 -25.23
CA LYS A 182 8.19 -7.54 -25.73
C LYS A 182 9.25 -7.93 -24.68
N ASN A 183 8.86 -7.92 -23.41
CA ASN A 183 9.81 -8.27 -22.35
C ASN A 183 10.14 -9.75 -22.30
N PHE A 184 9.28 -10.58 -22.90
CA PHE A 184 9.53 -12.01 -22.94
C PHE A 184 9.52 -12.55 -24.39
N ARG A 185 8.35 -12.78 -24.97
CA ARG A 185 8.21 -13.44 -26.27
C ARG A 185 8.84 -14.83 -26.22
N LEU A 186 8.29 -15.70 -25.38
CA LEU A 186 8.96 -16.96 -25.08
C LEU A 186 8.98 -17.89 -26.29
N ASN A 187 8.11 -17.62 -27.27
CA ASN A 187 8.08 -18.44 -28.48
C ASN A 187 9.20 -18.10 -29.44
N GLU A 188 9.85 -16.96 -29.21
CA GLU A 188 10.88 -16.46 -30.12
C GLU A 188 12.23 -16.35 -29.43
N ARG A 189 12.19 -16.18 -28.11
CA ARG A 189 13.42 -16.02 -27.32
C ARG A 189 13.43 -17.01 -26.17
N THR A 190 14.62 -17.48 -25.80
CA THR A 190 14.83 -18.45 -24.75
C THR A 190 15.56 -17.84 -23.55
N THR A 191 16.03 -16.61 -23.73
CA THR A 191 16.61 -15.86 -22.63
C THR A 191 16.48 -14.36 -22.91
N GLY A 192 16.50 -13.54 -21.86
CA GLY A 192 16.38 -12.10 -22.03
C GLY A 192 16.55 -11.34 -20.72
N THR A 193 16.63 -10.01 -20.81
CA THR A 193 16.72 -9.18 -19.61
C THR A 193 15.44 -8.38 -19.42
N ILE A 194 14.94 -8.33 -18.20
CA ILE A 194 13.77 -7.51 -17.91
C ILE A 194 14.03 -6.65 -16.71
N ASP A 195 13.30 -5.55 -16.65
CA ASP A 195 13.23 -4.69 -15.49
C ASP A 195 11.96 -5.08 -14.76
N VAL A 196 12.06 -5.56 -13.52
CA VAL A 196 10.86 -6.07 -12.85
C VAL A 196 9.91 -4.93 -12.54
N MET A 197 10.41 -3.70 -12.49
CA MET A 197 9.54 -2.56 -12.24
C MET A 197 8.81 -2.12 -13.52
N VAL A 198 9.08 -2.80 -14.62
CA VAL A 198 8.31 -2.59 -15.85
C VAL A 198 7.33 -3.73 -16.01
N THR A 199 7.80 -4.97 -15.86
CA THR A 199 6.96 -6.14 -16.08
C THR A 199 5.90 -6.37 -15.00
N GLN A 200 6.26 -6.22 -13.73
CA GLN A 200 5.30 -6.56 -12.69
C GLN A 200 4.08 -5.60 -12.64
N PRO A 201 4.28 -4.28 -12.79
CA PRO A 201 3.05 -3.46 -12.88
C PRO A 201 2.13 -3.87 -14.03
N GLU A 202 2.69 -4.29 -15.18
CA GLU A 202 1.87 -4.68 -16.32
C GLU A 202 1.13 -5.98 -16.05
N MET A 203 1.88 -6.99 -15.57
CA MET A 203 1.30 -8.28 -15.25
C MET A 203 0.25 -8.13 -14.18
N THR A 204 0.51 -7.24 -13.25
CA THR A 204 -0.45 -7.02 -12.17
C THR A 204 -1.77 -6.44 -12.68
N ILE A 205 -1.73 -5.41 -13.52
CA ILE A 205 -2.99 -4.79 -13.96
C ILE A 205 -3.73 -5.71 -14.96
N PHE A 206 -2.98 -6.45 -15.77
CA PHE A 206 -3.59 -7.40 -16.71
C PHE A 206 -4.35 -8.53 -15.98
N THR A 207 -3.73 -9.10 -14.95
CA THR A 207 -4.34 -10.19 -14.19
C THR A 207 -5.47 -9.69 -13.30
N ALA A 208 -5.28 -8.55 -12.65
CA ALA A 208 -6.35 -8.01 -11.79
C ALA A 208 -7.55 -7.53 -12.62
N SER A 209 -7.29 -6.89 -13.77
CA SER A 209 -8.40 -6.42 -14.64
C SER A 209 -9.26 -7.57 -15.11
N ARG A 210 -8.58 -8.61 -15.62
CA ARG A 210 -9.26 -9.74 -16.21
C ARG A 210 -10.15 -10.41 -15.19
N SER A 211 -9.62 -10.64 -13.99
CA SER A 211 -10.37 -11.39 -12.99
C SER A 211 -11.41 -10.54 -12.26
N LEU A 212 -11.01 -9.37 -11.76
CA LEU A 212 -11.96 -8.56 -10.99
C LEU A 212 -12.95 -7.73 -11.84
N LEU A 213 -12.51 -7.25 -13.00
CA LEU A 213 -13.34 -6.37 -13.83
C LEU A 213 -13.96 -7.11 -15.01
N GLY A 214 -13.28 -8.15 -15.50
CA GLY A 214 -13.81 -8.98 -16.56
C GLY A 214 -13.20 -8.72 -17.92
N LYS A 215 -13.67 -9.47 -18.90
CA LYS A 215 -12.97 -9.53 -20.19
C LYS A 215 -13.07 -8.22 -20.97
N GLU A 216 -14.22 -7.54 -20.88
CA GLU A 216 -14.40 -6.26 -21.57
C GLU A 216 -13.35 -5.27 -21.08
N MET A 217 -13.27 -5.12 -19.76
CA MET A 217 -12.37 -4.15 -19.16
C MET A 217 -10.91 -4.52 -19.40
N ARG A 218 -10.63 -5.81 -19.40
CA ARG A 218 -9.27 -6.27 -19.73
C ARG A 218 -8.98 -5.91 -21.18
N ALA A 219 -9.95 -6.16 -22.07
CA ALA A 219 -9.76 -5.86 -23.49
C ALA A 219 -9.35 -4.41 -23.72
N LYS A 220 -9.87 -3.49 -22.90
CA LYS A 220 -9.58 -2.06 -23.13
C LYS A 220 -8.12 -1.65 -22.80
N LEU A 221 -7.41 -2.47 -22.03
CA LEU A 221 -6.01 -2.22 -21.74
C LEU A 221 -5.09 -2.51 -22.95
N ASP A 222 -5.59 -3.23 -23.95
CA ASP A 222 -4.89 -3.40 -25.22
C ASP A 222 -5.04 -2.18 -26.14
N THR A 223 -5.71 -1.14 -25.67
CA THR A 223 -5.88 0.06 -26.49
C THR A 223 -5.22 1.26 -25.83
N ASP A 224 -5.36 2.43 -26.45
CA ASP A 224 -4.79 3.67 -25.92
C ASP A 224 -5.49 4.09 -24.64
N PHE A 225 -6.64 3.49 -24.40
CA PHE A 225 -7.31 3.65 -23.13
C PHE A 225 -6.38 3.32 -21.94
N ALA A 226 -5.46 2.38 -22.15
CA ALA A 226 -4.49 2.02 -21.11
C ALA A 226 -3.73 3.24 -20.58
N TYR A 227 -3.59 4.26 -21.42
CA TYR A 227 -2.87 5.48 -21.02
C TYR A 227 -3.56 6.25 -19.91
N LEU A 228 -4.88 6.09 -19.81
CA LEU A 228 -5.64 6.73 -18.73
C LEU A 228 -5.28 6.10 -17.38
N TYR A 229 -5.11 4.78 -17.36
CA TYR A 229 -4.66 4.10 -16.14
C TYR A 229 -3.32 4.64 -15.69
N SER A 230 -2.41 4.83 -16.66
CA SER A 230 -1.11 5.42 -16.37
C SER A 230 -1.27 6.83 -15.85
N ASP A 231 -2.20 7.59 -16.44
CA ASP A 231 -2.50 8.95 -15.98
C ASP A 231 -3.05 8.94 -14.56
N LEU A 232 -4.05 8.10 -14.34
CA LEU A 232 -4.68 8.01 -13.03
C LEU A 232 -3.64 7.60 -11.99
N ASP A 233 -2.74 6.69 -12.39
CA ASP A 233 -1.72 6.16 -11.50
C ASP A 233 -0.77 7.23 -10.95
N LYS A 234 -0.45 8.23 -11.77
CA LYS A 234 0.44 9.31 -11.37
C LYS A 234 -0.19 10.19 -10.30
N GLY A 235 -1.51 10.31 -10.34
CA GLY A 235 -2.23 11.13 -9.37
C GLY A 235 -2.20 10.56 -7.98
N PHE A 236 -1.70 9.33 -7.86
CA PHE A 236 -1.56 8.64 -6.59
C PHE A 236 -0.11 8.77 -6.11
N THR A 237 0.19 9.86 -5.41
CA THR A 237 1.55 10.19 -4.99
C THR A 237 1.48 10.97 -3.67
N PRO A 238 2.51 10.85 -2.81
CA PRO A 238 2.50 11.57 -1.53
C PRO A 238 2.34 13.09 -1.69
N ILE A 239 2.77 13.62 -2.83
CA ILE A 239 2.60 15.04 -3.17
C ILE A 239 1.18 15.53 -2.88
N ASN A 240 0.20 14.64 -3.09
CA ASN A 240 -1.20 14.94 -2.78
C ASN A 240 -1.45 15.29 -1.31
N PHE A 241 -0.48 14.97 -0.44
CA PHE A 241 -0.65 15.30 0.98
C PHE A 241 -0.46 16.80 1.24
N VAL A 242 0.50 17.44 0.58
CA VAL A 242 0.69 18.85 0.82
C VAL A 242 -0.10 19.66 -0.19
N PHE A 243 -0.02 19.26 -1.46
CA PHE A 243 -0.69 19.99 -2.53
C PHE A 243 -1.64 19.06 -3.30
N PRO A 244 -2.80 18.74 -2.70
CA PRO A 244 -3.78 17.79 -3.25
C PRO A 244 -4.32 18.27 -4.59
N ASN A 245 -4.62 19.56 -4.61
CA ASN A 245 -5.06 20.23 -5.82
C ASN A 245 -4.27 21.51 -6.01
N LEU A 246 -3.39 21.48 -7.00
CA LEU A 246 -2.77 22.69 -7.50
C LEU A 246 -2.95 22.57 -9.01
N PRO A 247 -3.30 23.69 -9.67
CA PRO A 247 -3.67 23.69 -11.08
C PRO A 247 -2.53 23.47 -12.08
N LEU A 248 -1.90 22.29 -12.05
CA LEU A 248 -0.93 21.91 -13.08
C LEU A 248 -1.47 20.79 -13.97
N GLU A 249 -0.68 20.38 -14.96
CA GLU A 249 -1.16 19.41 -15.96
C GLU A 249 -1.40 18.02 -15.36
N HIS A 250 -0.40 17.51 -14.65
CA HIS A 250 -0.48 16.23 -13.94
C HIS A 250 -1.84 16.02 -13.25
N TYR A 251 -2.32 17.07 -12.57
CA TYR A 251 -3.59 17.00 -11.83
C TYR A 251 -4.83 16.93 -12.73
N ARG A 252 -4.73 17.45 -13.95
CA ARG A 252 -5.86 17.47 -14.88
C ARG A 252 -5.99 16.15 -15.63
N LYS A 253 -4.85 15.61 -16.04
CA LYS A 253 -4.83 14.28 -16.66
C LYS A 253 -5.34 13.23 -15.68
N ARG A 254 -5.02 13.40 -14.40
CA ARG A 254 -5.54 12.56 -13.34
C ARG A 254 -7.08 12.65 -13.27
N ASP A 255 -7.57 13.87 -13.07
CA ASP A 255 -9.01 14.12 -12.97
C ASP A 255 -9.75 13.63 -14.20
N HIS A 256 -9.16 13.85 -15.38
CA HIS A 256 -9.75 13.39 -16.62
C HIS A 256 -9.80 11.86 -16.64
N ALA A 257 -8.70 11.23 -16.24
CA ALA A 257 -8.63 9.77 -16.18
C ALA A 257 -9.71 9.21 -15.26
N GLN A 258 -9.91 9.82 -14.10
CA GLN A 258 -10.93 9.33 -13.16
C GLN A 258 -12.32 9.33 -13.79
N LYS A 259 -12.67 10.46 -14.38
CA LYS A 259 -13.93 10.61 -15.09
C LYS A 259 -14.04 9.62 -16.23
N ALA A 260 -13.00 9.53 -17.05
CA ALA A 260 -13.03 8.63 -18.20
C ALA A 260 -13.12 7.14 -17.83
N ILE A 261 -12.36 6.73 -16.82
CA ILE A 261 -12.36 5.32 -16.40
C ILE A 261 -13.69 4.99 -15.72
N SER A 262 -14.12 5.84 -14.78
CA SER A 262 -15.41 5.62 -14.12
C SER A 262 -16.56 5.61 -15.13
N GLY A 263 -16.43 6.43 -16.17
CA GLY A 263 -17.40 6.45 -17.26
C GLY A 263 -17.46 5.11 -17.95
N THR A 264 -16.29 4.54 -18.25
CA THR A 264 -16.24 3.23 -18.89
C THR A 264 -16.92 2.16 -18.02
N TYR A 265 -16.62 2.16 -16.72
CA TYR A 265 -17.27 1.19 -15.83
C TYR A 265 -18.80 1.42 -15.78
N MET A 266 -19.21 2.68 -15.65
CA MET A 266 -20.65 2.98 -15.64
C MET A 266 -21.30 2.55 -16.97
N SER A 267 -20.61 2.80 -18.08
CA SER A 267 -21.13 2.36 -19.37
C SER A 267 -21.43 0.86 -19.34
N LEU A 268 -20.48 0.06 -18.85
CA LEU A 268 -20.67 -1.39 -18.80
C LEU A 268 -21.76 -1.78 -17.81
N ILE A 269 -21.79 -1.13 -16.66
CA ILE A 269 -22.80 -1.40 -15.66
C ILE A 269 -24.22 -1.16 -16.20
N LYS A 270 -24.43 0.01 -16.79
CA LYS A 270 -25.76 0.35 -17.30
C LYS A 270 -26.12 -0.55 -18.49
N GLU A 271 -25.11 -0.94 -19.26
CA GLU A 271 -25.37 -1.88 -20.35
C GLU A 271 -25.79 -3.25 -19.82
N ARG A 272 -25.12 -3.74 -18.78
CA ARG A 272 -25.48 -5.04 -18.20
C ARG A 272 -26.89 -5.03 -17.63
N ARG A 273 -27.26 -3.95 -16.96
CA ARG A 273 -28.60 -3.86 -16.36
C ARG A 273 -29.69 -3.77 -17.43
N LYS A 274 -29.43 -3.03 -18.50
CA LYS A 274 -30.43 -2.89 -19.57
C LYS A 274 -30.57 -4.18 -20.37
N ASN A 275 -29.61 -5.07 -20.29
CA ASN A 275 -29.71 -6.36 -20.98
C ASN A 275 -30.09 -7.49 -20.03
N ASN A 276 -30.33 -7.14 -18.76
CA ASN A 276 -30.44 -8.12 -17.68
C ASN A 276 -29.29 -9.13 -17.73
N ASP A 277 -28.12 -8.66 -18.14
CA ASP A 277 -26.93 -9.49 -18.23
C ASP A 277 -26.13 -9.38 -16.93
N ILE A 278 -26.70 -9.85 -15.82
CA ILE A 278 -26.02 -9.75 -14.54
C ILE A 278 -25.79 -11.13 -13.93
N GLN A 279 -24.55 -11.61 -14.07
CA GLN A 279 -24.14 -12.94 -13.66
C GLN A 279 -23.32 -12.95 -12.37
N ASP A 280 -22.33 -13.84 -12.31
CA ASP A 280 -21.41 -13.94 -11.17
C ASP A 280 -19.97 -13.92 -11.63
N ARG A 281 -19.72 -13.28 -12.76
CA ARG A 281 -18.42 -13.35 -13.40
C ARG A 281 -17.34 -12.63 -12.60
N ASP A 282 -17.63 -11.40 -12.21
CA ASP A 282 -16.57 -10.49 -11.76
C ASP A 282 -17.05 -9.59 -10.61
N LEU A 283 -16.21 -8.64 -10.19
CA LEU A 283 -16.56 -7.77 -9.08
C LEU A 283 -17.70 -6.81 -9.51
N ILE A 284 -17.78 -6.53 -10.80
CA ILE A 284 -18.82 -5.66 -11.35
C ILE A 284 -20.19 -6.29 -11.19
N ASP A 285 -20.35 -7.52 -11.66
CA ASP A 285 -21.58 -8.27 -11.44
C ASP A 285 -21.92 -8.25 -9.96
N SER A 286 -20.92 -8.52 -9.14
CA SER A 286 -21.13 -8.62 -7.71
C SER A 286 -21.63 -7.33 -7.05
N LEU A 287 -21.01 -6.21 -7.39
CA LEU A 287 -21.41 -4.96 -6.76
C LEU A 287 -22.79 -4.53 -7.31
N MET A 288 -23.09 -4.87 -8.56
CA MET A 288 -24.42 -4.58 -9.10
C MET A 288 -25.49 -5.31 -8.29
N LYS A 289 -25.25 -6.57 -7.93
CA LYS A 289 -26.25 -7.33 -7.20
C LYS A 289 -26.23 -7.07 -5.69
N ASN A 290 -25.24 -6.33 -5.20
CA ASN A 290 -24.96 -6.33 -3.76
C ASN A 290 -24.18 -5.08 -3.31
N SER A 291 -24.86 -3.94 -3.33
CA SER A 291 -24.29 -2.67 -2.90
C SER A 291 -25.36 -1.75 -2.32
N THR A 292 -26.29 -2.34 -1.57
CA THR A 292 -27.27 -1.55 -0.83
C THR A 292 -26.90 -1.52 0.64
N TYR A 293 -26.65 -0.33 1.15
CA TYR A 293 -26.39 -0.13 2.57
C TYR A 293 -27.55 -0.58 3.47
N LYS A 294 -27.26 -0.77 4.76
CA LYS A 294 -28.23 -1.30 5.69
C LYS A 294 -29.40 -0.33 5.99
N ASP A 295 -29.22 0.96 5.71
CA ASP A 295 -30.29 1.93 5.86
C ASP A 295 -31.14 1.99 4.58
N GLY A 296 -30.77 1.16 3.60
CA GLY A 296 -31.55 1.00 2.39
C GLY A 296 -31.11 1.85 1.22
N VAL A 297 -30.22 2.80 1.47
CA VAL A 297 -29.64 3.60 0.40
C VAL A 297 -28.77 2.73 -0.50
N LYS A 298 -29.02 2.82 -1.80
CA LYS A 298 -28.22 2.09 -2.78
C LYS A 298 -27.06 2.94 -3.27
N MET A 299 -25.90 2.30 -3.43
CA MET A 299 -24.74 2.93 -4.07
C MET A 299 -25.15 3.35 -5.45
N THR A 300 -24.73 4.54 -5.88
CA THR A 300 -25.00 4.94 -7.25
C THR A 300 -24.04 4.20 -8.16
N ASP A 301 -24.34 4.22 -9.45
CA ASP A 301 -23.47 3.62 -10.42
C ASP A 301 -22.13 4.33 -10.41
N GLN A 302 -22.16 5.64 -10.15
CA GLN A 302 -20.92 6.40 -10.01
C GLN A 302 -20.10 5.89 -8.81
N GLU A 303 -20.76 5.68 -7.68
CA GLU A 303 -20.06 5.24 -6.48
C GLU A 303 -19.52 3.81 -6.63
N ILE A 304 -20.29 2.96 -7.30
CA ILE A 304 -19.85 1.62 -7.62
C ILE A 304 -18.60 1.65 -8.47
N ALA A 305 -18.63 2.47 -9.52
CA ALA A 305 -17.48 2.65 -10.39
C ALA A 305 -16.25 3.19 -9.64
N ASN A 306 -16.46 4.17 -8.77
CA ASN A 306 -15.36 4.76 -8.02
C ASN A 306 -14.74 3.71 -7.08
N LEU A 307 -15.59 2.84 -6.55
CA LEU A 307 -15.14 1.84 -5.57
C LEU A 307 -14.33 0.76 -6.30
N LEU A 308 -14.69 0.51 -7.56
CA LEU A 308 -13.93 -0.37 -8.44
C LEU A 308 -12.52 0.16 -8.66
N ILE A 309 -12.44 1.47 -8.91
CA ILE A 309 -11.17 2.15 -9.11
C ILE A 309 -10.27 2.00 -7.87
N GLY A 310 -10.85 2.25 -6.70
CA GLY A 310 -10.13 2.15 -5.44
C GLY A 310 -9.62 0.74 -5.17
N VAL A 311 -10.44 -0.25 -5.51
CA VAL A 311 -10.09 -1.64 -5.27
C VAL A 311 -8.93 -2.04 -6.18
N LEU A 312 -9.05 -1.74 -7.47
CA LEU A 312 -7.99 -2.00 -8.43
C LEU A 312 -6.70 -1.24 -8.15
N MET A 313 -6.82 0.00 -7.69
CA MET A 313 -5.64 0.81 -7.40
C MET A 313 -4.90 0.27 -6.17
N GLY A 314 -5.64 -0.19 -5.17
CA GLY A 314 -5.05 -0.68 -3.95
C GLY A 314 -4.28 -1.96 -4.21
N GLY A 315 -4.96 -2.91 -4.84
CA GLY A 315 -4.36 -4.15 -5.24
C GLY A 315 -3.23 -3.99 -6.25
N GLN A 316 -3.28 -2.95 -7.06
CA GLN A 316 -2.21 -2.70 -8.03
C GLN A 316 -0.82 -2.47 -7.40
N HIS A 317 -0.71 -1.47 -6.52
CA HIS A 317 0.61 -1.08 -6.03
C HIS A 317 1.21 -2.01 -4.98
N THR A 318 0.37 -2.57 -4.12
CA THR A 318 0.84 -3.50 -3.10
C THR A 318 1.36 -4.77 -3.78
N SER A 319 0.56 -5.30 -4.71
CA SER A 319 0.86 -6.58 -5.35
C SER A 319 2.05 -6.48 -6.30
N ALA A 320 2.08 -5.46 -7.14
CA ALA A 320 3.16 -5.30 -8.11
C ALA A 320 4.50 -5.08 -7.44
N ALA A 321 4.50 -4.34 -6.34
CA ALA A 321 5.73 -4.18 -5.59
C ALA A 321 6.15 -5.53 -5.00
N THR A 322 5.17 -6.30 -4.54
CA THR A 322 5.49 -7.56 -3.86
C THR A 322 6.03 -8.60 -4.83
N SER A 323 5.49 -8.69 -6.05
CA SER A 323 5.98 -9.72 -6.97
C SER A 323 7.35 -9.30 -7.47
N ALA A 324 7.58 -7.99 -7.57
CA ALA A 324 8.91 -7.50 -7.92
C ALA A 324 9.96 -7.97 -6.91
N TRP A 325 9.69 -7.76 -5.62
CA TRP A 325 10.60 -8.17 -4.57
C TRP A 325 10.80 -9.69 -4.54
N ILE A 326 9.73 -10.45 -4.78
CA ILE A 326 9.87 -11.90 -4.77
C ILE A 326 10.88 -12.30 -5.84
N LEU A 327 10.68 -11.79 -7.07
CA LEU A 327 11.59 -12.02 -8.19
C LEU A 327 13.00 -11.58 -7.83
N LEU A 328 13.13 -10.38 -7.25
CA LEU A 328 14.47 -9.91 -6.87
C LEU A 328 15.16 -10.78 -5.81
N HIS A 329 14.46 -11.21 -4.77
CA HIS A 329 15.11 -12.08 -3.79
C HIS A 329 15.47 -13.44 -4.34
N LEU A 330 14.61 -14.00 -5.19
CA LEU A 330 14.87 -15.33 -5.69
C LEU A 330 16.00 -15.30 -6.73
N ALA A 331 16.20 -14.14 -7.36
CA ALA A 331 17.23 -13.99 -8.38
C ALA A 331 18.63 -14.37 -7.86
N GLU A 332 18.87 -14.14 -6.57
CA GLU A 332 20.16 -14.51 -5.97
C GLU A 332 20.03 -15.75 -5.10
N ARG A 333 18.93 -16.49 -5.25
CA ARG A 333 18.75 -17.72 -4.47
C ARG A 333 18.31 -18.84 -5.37
N PRO A 334 19.23 -19.34 -6.22
CA PRO A 334 18.89 -20.48 -7.09
C PRO A 334 18.47 -21.70 -6.27
N ASP A 335 18.92 -21.79 -5.02
CA ASP A 335 18.50 -22.86 -4.11
C ASP A 335 17.01 -22.78 -3.79
N VAL A 336 16.52 -21.59 -3.48
CA VAL A 336 15.08 -21.39 -3.24
C VAL A 336 14.25 -21.65 -4.53
N GLN A 337 14.74 -21.21 -5.69
CA GLN A 337 14.05 -21.50 -6.95
C GLN A 337 13.92 -23.02 -7.12
N GLN A 338 15.02 -23.71 -6.84
CA GLN A 338 15.09 -25.15 -7.01
C GLN A 338 14.09 -25.84 -6.09
N GLU A 339 14.11 -25.44 -4.83
CA GLU A 339 13.15 -25.92 -3.85
C GLU A 339 11.70 -25.64 -4.26
N LEU A 340 11.40 -24.42 -4.72
CA LEU A 340 10.05 -24.13 -5.19
C LEU A 340 9.69 -24.98 -6.41
N TYR A 341 10.64 -25.16 -7.33
CA TYR A 341 10.33 -25.94 -8.52
C TYR A 341 9.95 -27.40 -8.17
N GLU A 342 10.69 -28.02 -7.24
CA GLU A 342 10.37 -29.37 -6.79
C GLU A 342 8.94 -29.42 -6.23
N GLU A 343 8.54 -28.42 -5.45
CA GLU A 343 7.17 -28.39 -4.90
C GLU A 343 6.13 -28.33 -6.03
N GLN A 344 6.37 -27.49 -7.02
CA GLN A 344 5.51 -27.46 -8.20
C GLN A 344 5.41 -28.83 -8.86
N MET A 345 6.54 -29.54 -9.04
CA MET A 345 6.50 -30.83 -9.72
C MET A 345 5.72 -31.85 -8.90
N ARG A 346 5.90 -31.84 -7.58
CA ARG A 346 5.18 -32.76 -6.72
C ARG A 346 3.67 -32.45 -6.70
N VAL A 347 3.29 -31.22 -6.40
CA VAL A 347 1.87 -30.88 -6.29
C VAL A 347 1.13 -30.97 -7.64
N LEU A 348 1.78 -30.61 -8.74
CA LEU A 348 1.08 -30.62 -10.03
C LEU A 348 1.44 -31.87 -10.83
N ASP A 349 1.93 -32.89 -10.15
CA ASP A 349 2.24 -34.17 -10.78
C ASP A 349 3.11 -33.99 -12.02
N GLY A 350 4.23 -33.30 -11.85
CA GLY A 350 5.17 -33.09 -12.93
C GLY A 350 4.64 -32.19 -14.02
N GLY A 351 3.70 -31.31 -13.66
CA GLY A 351 3.14 -30.40 -14.65
C GLY A 351 1.89 -30.93 -15.33
N LYS A 352 1.53 -32.18 -15.07
CA LYS A 352 0.37 -32.77 -15.73
C LYS A 352 -0.97 -32.29 -15.17
N LYS A 353 -1.03 -31.95 -13.88
CA LYS A 353 -2.22 -31.33 -13.29
C LYS A 353 -2.30 -29.85 -13.64
N GLU A 354 -3.49 -29.40 -14.05
CA GLU A 354 -3.72 -27.97 -14.23
C GLU A 354 -3.79 -27.29 -12.87
N LEU A 355 -3.16 -26.12 -12.75
CA LEU A 355 -3.20 -25.36 -11.50
C LEU A 355 -4.63 -24.94 -11.15
N THR A 356 -5.03 -25.13 -9.90
CA THR A 356 -6.33 -24.68 -9.39
C THR A 356 -6.14 -23.98 -8.06
N TYR A 357 -7.19 -23.32 -7.57
CA TYR A 357 -7.10 -22.67 -6.26
C TYR A 357 -6.81 -23.65 -5.13
N ASP A 358 -7.40 -24.84 -5.18
CA ASP A 358 -7.17 -25.86 -4.15
C ASP A 358 -5.70 -26.34 -4.14
N LEU A 359 -5.12 -26.53 -5.33
CA LEU A 359 -3.73 -26.98 -5.43
C LEU A 359 -2.75 -25.89 -4.99
N LEU A 360 -3.08 -24.63 -5.25
CA LEU A 360 -2.36 -23.49 -4.68
C LEU A 360 -2.23 -23.61 -3.17
N GLN A 361 -3.30 -24.07 -2.52
CA GLN A 361 -3.30 -24.19 -1.05
C GLN A 361 -2.44 -25.36 -0.57
N GLU A 362 -1.97 -26.18 -1.49
CA GLU A 362 -1.06 -27.27 -1.12
C GLU A 362 0.36 -26.94 -1.51
N MET A 363 0.65 -25.64 -1.69
CA MET A 363 2.01 -25.22 -2.01
C MET A 363 2.57 -24.38 -0.87
N PRO A 364 2.87 -25.00 0.28
CA PRO A 364 3.24 -24.18 1.44
C PRO A 364 4.52 -23.39 1.19
N LEU A 365 5.53 -23.95 0.52
CA LEU A 365 6.77 -23.20 0.32
C LEU A 365 6.56 -21.96 -0.59
N LEU A 366 5.76 -22.12 -1.64
CA LEU A 366 5.43 -20.95 -2.48
C LEU A 366 4.73 -19.87 -1.62
N ASN A 367 3.75 -20.28 -0.82
CA ASN A 367 3.02 -19.33 0.06
C ASN A 367 3.90 -18.74 1.14
N GLN A 368 4.88 -19.51 1.60
CA GLN A 368 5.83 -19.01 2.58
C GLN A 368 6.79 -18.00 1.98
N THR A 369 7.08 -18.15 0.69
CA THR A 369 7.91 -17.20 -0.02
C THR A 369 7.20 -15.83 -0.11
N ILE A 370 5.91 -15.84 -0.40
CA ILE A 370 5.10 -14.60 -0.38
C ILE A 370 5.08 -14.01 1.05
N LYS A 371 4.87 -14.89 2.04
CA LYS A 371 4.78 -14.46 3.42
C LYS A 371 6.08 -13.76 3.85
N GLU A 372 7.21 -14.33 3.41
CA GLU A 372 8.53 -13.83 3.82
C GLU A 372 8.88 -12.54 3.11
N THR A 373 8.49 -12.45 1.84
CA THR A 373 8.64 -11.19 1.11
C THR A 373 7.81 -10.09 1.77
N LEU A 374 6.58 -10.42 2.16
CA LEU A 374 5.76 -9.41 2.82
C LEU A 374 6.31 -9.04 4.18
N ARG A 375 7.10 -9.93 4.80
CA ARG A 375 7.77 -9.56 6.05
C ARG A 375 8.91 -8.58 5.77
N MET A 376 9.76 -8.91 4.82
CA MET A 376 10.93 -8.05 4.59
C MET A 376 10.57 -6.78 3.84
N HIS A 377 9.46 -6.83 3.12
CA HIS A 377 9.04 -5.67 2.29
C HIS A 377 7.56 -5.39 2.44
N HIS A 378 7.18 -4.97 3.63
CA HIS A 378 5.82 -4.48 3.85
C HIS A 378 5.65 -3.29 2.91
N PRO A 379 4.63 -3.36 2.04
CA PRO A 379 4.41 -2.34 1.00
C PRO A 379 4.15 -0.93 1.55
N LEU A 380 3.59 -0.84 2.76
CA LEU A 380 3.22 0.44 3.33
C LEU A 380 3.96 0.65 4.62
N HIS A 381 5.01 1.46 4.60
CA HIS A 381 5.90 1.51 5.74
C HIS A 381 5.26 2.24 6.93
N SER A 382 4.31 3.11 6.64
CA SER A 382 3.64 3.91 7.68
C SER A 382 2.14 4.00 7.45
N LEU A 383 1.36 3.81 8.51
CA LEU A 383 -0.08 3.97 8.40
C LEU A 383 -0.46 5.07 9.39
N PHE A 384 -1.40 5.92 8.99
CA PHE A 384 -1.74 7.10 9.78
C PHE A 384 -3.19 7.11 10.25
N ARG A 385 -3.41 7.85 11.33
CA ARG A 385 -4.75 8.28 11.72
C ARG A 385 -4.62 9.71 12.25
N LYS A 386 -5.67 10.52 12.11
CA LYS A 386 -5.70 11.80 12.81
C LYS A 386 -6.38 11.58 14.18
N VAL A 387 -5.78 12.13 15.23
CA VAL A 387 -6.36 11.99 16.55
C VAL A 387 -7.55 12.96 16.72
N MET A 388 -8.73 12.41 17.04
CA MET A 388 -9.94 13.23 17.14
C MET A 388 -10.16 13.76 18.56
N LYS A 389 -9.84 12.95 19.57
CA LYS A 389 -9.96 13.36 20.97
C LYS A 389 -8.68 13.04 21.71
N ASP A 390 -8.41 13.76 22.78
CA ASP A 390 -7.22 13.52 23.58
C ASP A 390 -7.11 12.04 23.94
N MET A 391 -5.92 11.48 23.72
CA MET A 391 -5.67 10.07 23.97
C MET A 391 -4.62 9.89 25.05
N HIS A 392 -4.99 9.22 26.13
CA HIS A 392 -4.02 8.83 27.14
C HIS A 392 -3.31 7.55 26.70
N VAL A 393 -1.98 7.58 26.75
CA VAL A 393 -1.19 6.42 26.43
C VAL A 393 -0.99 5.59 27.70
N PRO A 394 -1.62 4.39 27.75
CA PRO A 394 -1.58 3.48 28.90
C PRO A 394 -0.19 3.28 29.48
N ASN A 395 -0.14 3.16 30.80
CA ASN A 395 1.10 2.92 31.55
C ASN A 395 2.15 3.99 31.31
N THR A 396 1.70 5.16 30.86
CA THR A 396 2.54 6.34 30.81
C THR A 396 1.70 7.50 31.34
N SER A 397 2.30 8.67 31.44
CA SER A 397 1.55 9.89 31.71
C SER A 397 1.36 10.70 30.43
N TYR A 398 1.60 10.04 29.29
CA TYR A 398 1.52 10.70 27.98
C TYR A 398 0.09 10.92 27.54
N VAL A 399 -0.17 12.11 27.03
CA VAL A 399 -1.45 12.39 26.39
C VAL A 399 -1.20 12.88 24.96
N ILE A 400 -1.85 12.23 24.00
CA ILE A 400 -1.80 12.70 22.61
C ILE A 400 -3.02 13.55 22.32
N PRO A 401 -2.83 14.86 22.19
CA PRO A 401 -3.97 15.78 22.06
C PRO A 401 -4.64 15.67 20.71
N ALA A 402 -5.93 15.98 20.66
CA ALA A 402 -6.63 16.06 19.38
C ALA A 402 -5.87 16.97 18.43
N GLY A 403 -5.86 16.62 17.15
CA GLY A 403 -5.18 17.41 16.14
C GLY A 403 -3.81 16.84 15.79
N TYR A 404 -3.29 16.00 16.69
CA TYR A 404 -2.09 15.22 16.37
C TYR A 404 -2.44 14.12 15.40
N HIS A 405 -1.41 13.47 14.88
CA HIS A 405 -1.59 12.23 14.12
C HIS A 405 -0.82 11.10 14.77
N VAL A 406 -1.39 9.90 14.76
CA VAL A 406 -0.65 8.74 15.22
C VAL A 406 -0.16 7.97 13.98
N LEU A 407 0.99 7.32 14.10
CA LEU A 407 1.62 6.63 12.98
C LEU A 407 2.03 5.25 13.49
N VAL A 408 1.52 4.20 12.87
CA VAL A 408 1.90 2.86 13.25
C VAL A 408 2.72 2.25 12.11
N SER A 409 3.71 1.43 12.44
CA SER A 409 4.62 0.91 11.44
C SER A 409 4.94 -0.56 11.67
N PRO A 410 4.00 -1.45 11.34
CA PRO A 410 4.23 -2.88 11.51
C PRO A 410 5.43 -3.35 10.69
N GLY A 411 5.65 -2.73 9.53
CA GLY A 411 6.80 -3.06 8.69
C GLY A 411 8.14 -2.83 9.37
N TYR A 412 8.18 -1.89 10.30
CA TYR A 412 9.40 -1.67 11.08
C TYR A 412 9.62 -2.85 12.04
N THR A 413 8.54 -3.35 12.63
CA THR A 413 8.68 -4.47 13.58
C THR A 413 9.05 -5.77 12.85
N HIS A 414 8.58 -5.88 11.59
CA HIS A 414 8.92 -7.00 10.72
C HIS A 414 10.43 -7.18 10.60
N LEU A 415 11.14 -6.08 10.76
CA LEU A 415 12.59 -6.07 10.52
C LEU A 415 13.41 -6.04 11.81
N ARG A 416 12.78 -6.39 12.94
CA ARG A 416 13.48 -6.39 14.23
C ARG A 416 13.93 -7.80 14.63
N ASP A 417 15.21 -7.95 14.91
CA ASP A 417 15.76 -9.25 15.30
C ASP A 417 15.02 -9.85 16.52
N GLU A 418 14.55 -9.01 17.43
CA GLU A 418 13.84 -9.51 18.63
C GLU A 418 12.59 -10.30 18.31
N TYR A 419 11.90 -9.95 17.21
CA TYR A 419 10.67 -10.67 16.88
C TYR A 419 10.87 -11.64 15.72
N PHE A 420 11.93 -11.44 14.95
CA PHE A 420 12.26 -12.31 13.83
C PHE A 420 13.76 -12.48 13.79
N PRO A 421 14.29 -13.58 14.35
CA PRO A 421 15.75 -13.77 14.39
C PRO A 421 16.39 -13.57 13.00
N ASN A 422 17.50 -12.85 12.93
CA ASN A 422 18.16 -12.56 11.65
C ASN A 422 17.17 -11.96 10.66
N ALA A 423 16.56 -10.86 11.08
CA ALA A 423 15.44 -10.27 10.38
C ALA A 423 15.80 -9.81 8.95
N HIS A 424 17.06 -9.45 8.76
CA HIS A 424 17.50 -8.96 7.47
C HIS A 424 17.96 -10.09 6.54
N GLN A 425 17.69 -11.32 6.94
CA GLN A 425 17.96 -12.46 6.06
C GLN A 425 16.65 -13.01 5.51
N PHE A 426 16.59 -13.17 4.19
CA PHE A 426 15.46 -13.77 3.49
C PHE A 426 15.42 -15.26 3.74
N ASN A 427 14.45 -15.72 4.53
CA ASN A 427 14.37 -17.14 4.88
C ASN A 427 12.94 -17.65 4.97
N ILE A 428 12.52 -18.35 3.91
CA ILE A 428 11.14 -18.77 3.80
C ILE A 428 10.84 -19.85 4.82
N HIS A 429 11.90 -20.50 5.29
CA HIS A 429 11.74 -21.60 6.23
C HIS A 429 11.46 -21.12 7.65
N ARG A 430 11.60 -19.83 7.93
CA ARG A 430 11.13 -19.33 9.24
C ARG A 430 9.62 -19.48 9.36
N TRP A 431 8.92 -19.77 8.25
CA TRP A 431 7.47 -20.02 8.26
C TRP A 431 7.06 -21.48 8.07
N ASN A 432 8.00 -22.43 8.25
CA ASN A 432 7.65 -23.84 8.17
C ASN A 432 6.47 -24.19 9.08
N ASN A 433 5.48 -24.90 8.53
CA ASN A 433 4.27 -25.25 9.28
C ASN A 433 3.49 -24.00 9.72
N ASP A 434 3.65 -22.92 8.95
CA ASP A 434 3.04 -21.65 9.30
C ASP A 434 2.89 -20.82 8.02
N SER A 435 2.22 -21.43 7.03
CA SER A 435 2.19 -20.96 5.66
C SER A 435 1.04 -20.02 5.36
N ALA A 436 0.17 -19.78 6.34
CA ALA A 436 -1.05 -18.99 6.12
C ALA A 436 -0.72 -17.52 5.97
N SER A 437 -1.45 -16.85 5.07
CA SER A 437 -1.25 -15.42 4.83
C SER A 437 -1.28 -14.64 6.14
N SER A 438 -2.17 -15.06 7.03
CA SER A 438 -2.25 -14.51 8.38
C SER A 438 -3.17 -15.41 9.18
N TYR A 439 -3.21 -15.21 10.50
CA TYR A 439 -4.13 -15.99 11.33
C TYR A 439 -4.38 -15.30 12.67
N SER A 440 -5.60 -15.41 13.20
CA SER A 440 -5.94 -14.84 14.49
C SER A 440 -5.67 -15.82 15.64
N VAL A 441 -4.74 -15.46 16.53
CA VAL A 441 -4.32 -16.34 17.63
C VAL A 441 -5.38 -16.51 18.71
N GLY A 442 -6.56 -15.92 18.52
CA GLY A 442 -7.63 -16.07 19.49
C GLY A 442 -8.99 -15.48 19.14
N GLU A 443 -9.47 -14.62 20.04
CA GLU A 443 -10.82 -14.08 19.95
C GLU A 443 -11.04 -13.23 18.70
N GLU A 444 -12.27 -13.23 18.17
CA GLU A 444 -12.57 -12.42 16.99
C GLU A 444 -13.62 -11.35 17.27
N VAL A 445 -13.73 -10.41 16.33
CA VAL A 445 -14.71 -9.34 16.37
C VAL A 445 -15.08 -9.02 14.92
N ASP A 446 -16.26 -8.46 14.71
CA ASP A 446 -16.73 -8.08 13.38
C ASP A 446 -17.10 -6.62 13.40
N TYR A 447 -16.52 -5.84 12.50
CA TYR A 447 -16.78 -4.41 12.40
C TYR A 447 -17.76 -4.12 11.27
N GLY A 448 -18.21 -5.17 10.61
CA GLY A 448 -19.13 -5.00 9.50
C GLY A 448 -18.74 -5.69 8.20
N PHE A 449 -17.56 -6.29 8.15
CA PHE A 449 -17.09 -6.91 6.91
C PHE A 449 -16.51 -8.28 7.19
N GLY A 450 -16.92 -8.88 8.30
CA GLY A 450 -16.52 -10.24 8.64
C GLY A 450 -15.75 -10.31 9.94
N ALA A 451 -15.74 -11.48 10.55
CA ALA A 451 -15.02 -11.66 11.80
C ALA A 451 -13.53 -11.61 11.52
N ILE A 452 -12.81 -10.79 12.27
CA ILE A 452 -11.37 -10.67 12.13
C ILE A 452 -10.77 -10.68 13.54
N SER A 453 -9.46 -10.80 13.65
CA SER A 453 -8.80 -10.87 14.96
C SER A 453 -9.11 -9.67 15.86
N LYS A 454 -9.47 -9.95 17.11
CA LYS A 454 -9.73 -8.86 18.05
C LYS A 454 -8.40 -8.25 18.51
N GLY A 455 -7.44 -9.09 18.86
CA GLY A 455 -6.13 -8.61 19.19
C GLY A 455 -5.34 -8.25 17.93
N VAL A 456 -4.61 -7.15 18.02
CA VAL A 456 -3.74 -6.72 16.93
C VAL A 456 -2.30 -6.62 17.48
N SER A 457 -1.91 -7.60 18.30
CA SER A 457 -0.58 -7.56 18.91
C SER A 457 0.49 -8.39 18.19
N SER A 458 0.12 -9.09 17.12
CA SER A 458 1.10 -9.82 16.31
C SER A 458 2.25 -8.93 15.82
N PRO A 459 3.50 -9.38 15.97
CA PRO A 459 4.61 -8.60 15.40
C PRO A 459 4.59 -8.60 13.87
N TYR A 460 3.93 -9.60 13.29
CA TYR A 460 3.71 -9.72 11.83
C TYR A 460 2.29 -9.25 11.50
N LEU A 461 2.20 -8.08 10.90
CA LEU A 461 0.91 -7.52 10.48
C LEU A 461 0.94 -6.93 9.08
N PRO A 462 1.12 -7.78 8.05
CA PRO A 462 1.20 -7.26 6.69
C PRO A 462 -0.12 -6.63 6.23
N PHE A 463 -1.24 -7.06 6.80
CA PHE A 463 -2.54 -6.56 6.35
C PHE A 463 -3.25 -5.68 7.37
N GLY A 464 -2.46 -5.14 8.31
CA GLY A 464 -2.98 -4.29 9.37
C GLY A 464 -3.88 -5.06 10.29
N GLY A 465 -4.84 -4.35 10.90
CA GLY A 465 -5.81 -4.97 11.78
C GLY A 465 -6.81 -3.95 12.29
N GLY A 466 -7.85 -4.41 12.98
CA GLY A 466 -8.91 -3.51 13.43
C GLY A 466 -9.90 -3.18 12.30
N ARG A 467 -10.66 -2.10 12.45
CA ARG A 467 -11.73 -1.78 11.50
C ARG A 467 -11.20 -1.49 10.10
N HIS A 468 -9.97 -1.00 10.02
CA HIS A 468 -9.38 -0.64 8.73
C HIS A 468 -8.53 -1.75 8.08
N ARG A 469 -8.63 -2.97 8.61
CA ARG A 469 -7.85 -4.13 8.13
C ARG A 469 -8.10 -4.41 6.64
N CYS A 470 -7.07 -4.90 5.95
CA CYS A 470 -7.19 -5.24 4.55
C CYS A 470 -8.24 -6.30 4.31
N ILE A 471 -8.92 -6.23 3.18
CA ILE A 471 -9.82 -7.31 2.83
C ILE A 471 -9.35 -7.94 1.54
N GLY A 472 -8.16 -7.55 1.10
CA GLY A 472 -7.65 -8.02 -0.19
C GLY A 472 -6.63 -9.14 -0.06
N GLU A 473 -6.42 -9.64 1.16
CA GLU A 473 -5.26 -10.49 1.38
C GLU A 473 -5.35 -11.81 0.60
N HIS A 474 -6.54 -12.38 0.48
CA HIS A 474 -6.68 -13.66 -0.16
C HIS A 474 -6.63 -13.48 -1.66
N PHE A 475 -7.18 -12.37 -2.17
CA PHE A 475 -6.99 -12.07 -3.58
C PHE A 475 -5.50 -11.91 -3.89
N ALA A 476 -4.78 -11.16 -3.07
CA ALA A 476 -3.38 -10.91 -3.37
C ALA A 476 -2.58 -12.23 -3.36
N TYR A 477 -2.91 -13.16 -2.47
CA TYR A 477 -2.20 -14.43 -2.42
C TYR A 477 -2.56 -15.31 -3.63
N CYS A 478 -3.80 -15.19 -4.08
CA CYS A 478 -4.25 -15.94 -5.25
C CYS A 478 -3.47 -15.48 -6.47
N GLN A 479 -3.49 -14.17 -6.70
CA GLN A 479 -2.79 -13.54 -7.80
C GLN A 479 -1.29 -13.80 -7.74
N LEU A 480 -0.66 -13.50 -6.60
CA LEU A 480 0.77 -13.73 -6.47
C LEU A 480 1.11 -15.22 -6.60
N GLY A 481 0.21 -16.07 -6.10
CA GLY A 481 0.44 -17.50 -6.13
C GLY A 481 0.45 -18.03 -7.56
N VAL A 482 -0.58 -17.66 -8.32
CA VAL A 482 -0.68 -18.13 -9.72
C VAL A 482 0.52 -17.64 -10.51
N LEU A 483 0.80 -16.35 -10.36
CA LEU A 483 1.92 -15.75 -11.06
C LEU A 483 3.28 -16.41 -10.77
N MET A 484 3.56 -16.64 -9.49
CA MET A 484 4.87 -17.19 -9.10
C MET A 484 4.95 -18.67 -9.41
N SER A 485 3.83 -19.39 -9.31
CA SER A 485 3.78 -20.77 -9.75
C SER A 485 4.15 -20.91 -11.23
N ILE A 486 3.66 -20.01 -12.07
CA ILE A 486 3.97 -20.06 -13.52
C ILE A 486 5.40 -19.59 -13.80
N PHE A 487 5.84 -18.54 -13.11
CA PHE A 487 7.22 -18.08 -13.25
C PHE A 487 8.20 -19.21 -12.94
N ILE A 488 7.97 -19.86 -11.80
CA ILE A 488 8.82 -20.96 -11.35
C ILE A 488 8.83 -22.12 -12.35
N ARG A 489 7.66 -22.55 -12.80
CA ARG A 489 7.64 -23.68 -13.72
C ARG A 489 8.24 -23.37 -15.11
N THR A 490 8.18 -22.10 -15.53
CA THR A 490 8.59 -21.69 -16.88
C THR A 490 10.04 -21.21 -16.98
N LEU A 491 10.52 -20.51 -15.95
CA LEU A 491 11.78 -19.80 -16.04
C LEU A 491 12.71 -20.05 -14.86
N LYS A 492 14.02 -19.90 -15.10
CA LYS A 492 15.00 -19.61 -14.07
C LYS A 492 15.45 -18.20 -14.30
N TRP A 493 15.93 -17.53 -13.26
CA TRP A 493 16.45 -16.19 -13.43
C TRP A 493 17.54 -15.87 -12.43
N HIS A 494 18.34 -14.85 -12.73
CA HIS A 494 19.48 -14.49 -11.90
C HIS A 494 19.82 -13.03 -12.14
N TYR A 495 20.84 -12.52 -11.46
CA TYR A 495 21.25 -11.12 -11.65
C TYR A 495 22.33 -10.96 -12.71
N PRO A 496 22.36 -9.77 -13.36
CA PRO A 496 23.55 -9.38 -14.11
C PRO A 496 24.74 -9.33 -13.17
N GLU A 497 25.96 -9.51 -13.68
CA GLU A 497 27.16 -9.57 -12.84
C GLU A 497 27.26 -8.38 -11.89
N GLY A 498 27.58 -8.66 -10.63
CA GLY A 498 27.74 -7.62 -9.65
C GLY A 498 26.47 -7.00 -9.07
N LYS A 499 25.31 -7.29 -9.64
CA LYS A 499 24.05 -6.74 -9.13
C LYS A 499 23.51 -7.61 -7.99
N THR A 500 22.71 -7.00 -7.12
CA THR A 500 22.06 -7.72 -6.04
C THR A 500 20.71 -7.06 -5.73
N VAL A 501 20.05 -7.48 -4.65
CA VAL A 501 18.78 -6.89 -4.26
C VAL A 501 18.90 -5.39 -4.07
N PRO A 502 18.10 -4.62 -4.80
CA PRO A 502 18.14 -3.18 -4.61
C PRO A 502 17.52 -2.74 -3.27
N PRO A 503 17.97 -1.60 -2.75
CA PRO A 503 17.35 -1.02 -1.55
C PRO A 503 15.98 -0.45 -1.89
N PRO A 504 15.08 -0.41 -0.90
CA PRO A 504 13.72 0.10 -1.12
C PRO A 504 13.71 1.59 -1.46
N ASP A 505 12.78 2.01 -2.31
CA ASP A 505 12.51 3.43 -2.46
C ASP A 505 11.34 3.77 -1.56
N PHE A 506 11.62 4.54 -0.50
CA PHE A 506 10.60 4.83 0.49
C PHE A 506 9.82 6.14 0.22
N THR A 507 10.13 6.82 -0.87
CA THR A 507 9.56 8.14 -1.10
C THR A 507 8.16 8.05 -1.69
N SER A 508 7.89 6.94 -2.37
CA SER A 508 6.61 6.70 -3.03
C SER A 508 5.56 6.28 -2.02
N MET A 509 4.37 5.92 -2.51
CA MET A 509 3.32 5.43 -1.63
C MET A 509 3.54 3.98 -1.16
N VAL A 510 4.20 3.17 -1.98
CA VAL A 510 4.62 1.85 -1.54
C VAL A 510 6.13 1.77 -1.51
N THR A 511 6.67 0.81 -0.76
CA THR A 511 8.12 0.65 -0.59
C THR A 511 8.75 -0.17 -1.71
N LEU A 512 8.39 0.18 -2.95
CA LEU A 512 8.90 -0.52 -4.13
C LEU A 512 10.43 -0.48 -4.24
N PRO A 513 11.00 -1.45 -4.95
CA PRO A 513 12.46 -1.44 -5.17
C PRO A 513 12.96 -0.24 -5.97
N THR A 514 14.17 0.19 -5.66
CA THR A 514 14.82 1.23 -6.44
C THR A 514 15.15 0.69 -7.82
N GLY A 515 14.58 1.29 -8.85
CA GLY A 515 14.85 0.89 -10.21
C GLY A 515 16.06 1.61 -10.81
N PRO A 516 16.54 1.12 -11.95
CA PRO A 516 16.01 -0.09 -12.58
C PRO A 516 16.56 -1.35 -11.88
N ALA A 517 15.67 -2.31 -11.69
CA ALA A 517 16.01 -3.55 -11.02
C ALA A 517 15.87 -4.67 -12.04
N LYS A 518 16.99 -5.03 -12.63
CA LYS A 518 16.99 -5.96 -13.75
C LYS A 518 17.37 -7.38 -13.35
N ILE A 519 16.65 -8.34 -13.93
CA ILE A 519 17.02 -9.74 -13.83
C ILE A 519 17.07 -10.33 -15.24
N ILE A 520 17.85 -11.40 -15.35
CA ILE A 520 18.03 -12.14 -16.58
C ILE A 520 17.27 -13.46 -16.46
N TRP A 521 16.30 -13.70 -17.33
CA TRP A 521 15.56 -14.95 -17.33
C TRP A 521 16.06 -15.91 -18.41
N GLU A 522 15.82 -17.20 -18.20
CA GLU A 522 16.02 -18.18 -19.24
C GLU A 522 14.94 -19.26 -19.12
N LYS A 523 14.49 -19.77 -20.26
CA LYS A 523 13.46 -20.80 -20.25
C LYS A 523 14.01 -22.12 -19.68
N ARG A 524 13.22 -22.78 -18.84
CA ARG A 524 13.60 -24.10 -18.37
C ARG A 524 13.48 -25.08 -19.53
N ASN A 525 12.54 -24.79 -20.43
CA ASN A 525 12.32 -25.63 -21.59
C ASN A 525 12.30 -24.75 -22.84
N PRO A 526 13.50 -24.52 -23.41
CA PRO A 526 13.75 -23.64 -24.56
C PRO A 526 12.76 -23.88 -25.71
N GLU A 527 12.32 -25.13 -25.86
CA GLU A 527 11.46 -25.50 -26.99
C GLU A 527 9.96 -25.45 -26.68
N GLN A 528 9.60 -25.22 -25.41
CA GLN A 528 8.20 -25.09 -25.02
C GLN A 528 7.53 -23.90 -25.74
N LYS A 529 6.36 -24.14 -26.30
CA LYS A 529 5.62 -23.10 -27.01
C LYS A 529 4.33 -22.76 -26.29
N ILE A 530 3.95 -21.49 -26.28
CA ILE A 530 2.67 -21.10 -25.71
C ILE A 530 1.67 -20.90 -26.84
N GLY A 531 0.59 -21.67 -26.82
CA GLY A 531 -0.39 -21.64 -27.89
C GLY A 531 -1.24 -20.37 -27.90
N GLY A 532 -2.27 -20.40 -28.73
CA GLY A 532 -3.19 -19.28 -28.87
C GLY A 532 -2.86 -18.37 -30.04
N ARG A 533 -3.84 -17.59 -30.49
CA ARG A 533 -3.65 -16.70 -31.64
C ARG A 533 -3.11 -15.33 -31.22
N HIS A 534 -2.19 -14.80 -32.02
CA HIS A 534 -1.63 -13.47 -31.81
C HIS A 534 -1.10 -12.91 -33.13
N HIS A 535 -0.88 -11.60 -33.19
CA HIS A 535 -0.47 -10.97 -34.45
C HIS A 535 1.04 -10.74 -34.50
#